data_8EJU
#
_entry.id   8EJU
#
_cell.length_a   148.903
_cell.length_b   148.903
_cell.length_c   55.711
_cell.angle_alpha   90.000
_cell.angle_beta   90.000
_cell.angle_gamma   120.000
#
_symmetry.space_group_name_H-M   'P 62'
#
loop_
_entity.id
_entity.type
_entity.pdbx_description
1 polymer 'Transcription regulatory protein (Pca regulon)'
2 non-polymer selenourea
3 non-polymer 'PHOSPHATE ION'
4 non-polymer 'CHLORIDE ION'
5 water water
#
_entity_poly.entity_id   1
_entity_poly.type   'polypeptide(L)'
_entity_poly.pdbx_seq_one_letter_code
;MSDETLGNDSGNAEVARPASAAMAPPIVASPAKRIQAFTGDPDFMTSLARGLAVIQAFQERKRHLTIAQISHRTEIPRAA
VRRCLHTLIKLGYATTDGRTYSLLPKVLTLGHAYLSSTPLAISAQPYLDRISDQLHEAANMATLEGDDILYIARSATVER
LISVDLSVGGRLPAYCTSMGRILLAAMDDTSLREYLERADLKARTSRTLNDPESLFACIQQVRAQGWCVVDQELEQGLRS
IAVPVYDASGQVLAALNVSTHVGRVTRSELEQRFLPILLAASRDLCHQLFG
;
_entity_poly.pdbx_strand_id   A,B
#
loop_
_chem_comp.id
_chem_comp.type
_chem_comp.name
_chem_comp.formula
CL non-polymer 'CHLORIDE ION' 'Cl -1'
PO4 non-polymer 'PHOSPHATE ION' 'O4 P -3'
SEY non-polymer selenourea 'C H4 N2 Se'
#
# COMPACT_ATOMS: atom_id res chain seq x y z
N ALA A 29 -11.49 -21.54 -10.58
CA ALA A 29 -12.06 -20.56 -11.51
C ALA A 29 -11.03 -19.47 -11.88
N SER A 30 -10.60 -19.48 -13.13
CA SER A 30 -9.69 -18.47 -13.66
C SER A 30 -10.26 -17.04 -13.56
N PRO A 31 -9.42 -16.00 -13.59
CA PRO A 31 -9.99 -14.64 -13.67
C PRO A 31 -10.97 -14.45 -14.82
N ALA A 32 -10.69 -14.99 -16.02
CA ALA A 32 -11.64 -14.83 -17.13
C ALA A 32 -12.98 -15.51 -16.81
N LYS A 33 -12.93 -16.73 -16.27
CA LYS A 33 -14.16 -17.40 -15.83
C LYS A 33 -15.00 -16.52 -14.91
N ARG A 34 -14.37 -15.89 -13.92
CA ARG A 34 -15.11 -15.04 -12.98
C ARG A 34 -15.72 -13.84 -13.70
N ILE A 35 -14.96 -13.24 -14.61
CA ILE A 35 -15.50 -12.14 -15.42
C ILE A 35 -16.68 -12.62 -16.25
N GLN A 36 -16.56 -13.79 -16.89
CA GLN A 36 -17.63 -14.20 -17.81
C GLN A 36 -18.91 -14.58 -17.10
N ALA A 37 -18.88 -14.85 -15.79
CA ALA A 37 -20.12 -15.06 -15.05
C ALA A 37 -21.03 -13.85 -15.11
N PHE A 38 -20.53 -12.65 -15.43
CA PHE A 38 -21.42 -11.50 -15.51
C PHE A 38 -21.76 -11.10 -16.94
N THR A 39 -21.75 -12.03 -17.91
CA THR A 39 -22.09 -11.63 -19.26
C THR A 39 -23.56 -11.24 -19.38
N GLY A 40 -24.43 -11.82 -18.55
CA GLY A 40 -25.82 -11.40 -18.55
C GLY A 40 -26.12 -10.05 -17.94
N ASP A 41 -25.13 -9.44 -17.29
CA ASP A 41 -25.32 -8.19 -16.56
C ASP A 41 -24.94 -7.04 -17.47
N PRO A 42 -25.87 -6.17 -17.87
CA PRO A 42 -25.51 -5.14 -18.87
C PRO A 42 -24.74 -3.98 -18.30
N ASP A 43 -24.77 -3.77 -16.99
CA ASP A 43 -23.99 -2.74 -16.31
C ASP A 43 -22.61 -3.23 -15.86
N PHE A 44 -22.29 -4.49 -16.07
CA PHE A 44 -20.94 -4.97 -15.78
C PHE A 44 -19.98 -4.58 -16.91
N MET A 45 -18.90 -3.87 -16.54
CA MET A 45 -17.92 -3.32 -17.47
C MET A 45 -16.81 -4.33 -17.73
N THR A 46 -16.91 -5.12 -18.79
CA THR A 46 -15.95 -6.20 -19.04
C THR A 46 -14.52 -5.71 -19.16
N SER A 47 -14.29 -4.57 -19.81
CA SER A 47 -12.93 -4.11 -20.00
C SER A 47 -12.28 -3.67 -18.69
N LEU A 48 -13.06 -3.01 -17.83
CA LEU A 48 -12.58 -2.65 -16.50
C LEU A 48 -12.19 -3.91 -15.75
N ALA A 49 -13.06 -4.92 -15.75
CA ALA A 49 -12.75 -6.17 -15.07
C ALA A 49 -11.50 -6.83 -15.63
N ARG A 50 -11.36 -6.88 -16.99
CA ARG A 50 -10.12 -7.48 -17.50
C ARG A 50 -8.89 -6.66 -17.13
N GLY A 51 -8.96 -5.33 -17.16
CA GLY A 51 -7.78 -4.52 -16.83
C GLY A 51 -7.36 -4.71 -15.37
N LEU A 52 -8.33 -4.83 -14.48
CA LEU A 52 -7.99 -5.11 -13.06
C LEU A 52 -7.34 -6.48 -12.94
N ALA A 53 -7.85 -7.47 -13.71
CA ALA A 53 -7.23 -8.79 -13.69
C ALA A 53 -5.80 -8.75 -14.28
N VAL A 54 -5.58 -7.90 -15.29
CA VAL A 54 -4.25 -7.78 -15.87
C VAL A 54 -3.29 -7.20 -14.85
N ILE A 55 -3.73 -6.22 -14.06
CA ILE A 55 -2.86 -5.72 -12.96
C ILE A 55 -2.55 -6.84 -12.00
N GLN A 56 -3.57 -7.62 -11.63
CA GLN A 56 -3.39 -8.67 -10.62
C GLN A 56 -2.44 -9.73 -11.15
N ALA A 57 -2.39 -9.91 -12.49
CA ALA A 57 -1.55 -10.95 -13.06
C ALA A 57 -0.09 -10.75 -12.66
N PHE A 58 0.29 -9.52 -12.27
CA PHE A 58 1.69 -9.25 -11.90
C PHE A 58 2.04 -9.74 -10.51
N GLN A 59 1.07 -10.20 -9.73
CA GLN A 59 1.32 -10.48 -8.31
C GLN A 59 2.49 -11.45 -8.15
N GLU A 60 3.47 -11.05 -7.34
CA GLU A 60 4.59 -11.88 -6.95
C GLU A 60 5.35 -12.42 -8.13
N ARG A 61 5.26 -11.77 -9.31
CA ARG A 61 6.03 -12.27 -10.44
C ARG A 61 7.49 -11.88 -10.36
N LYS A 62 7.81 -10.89 -9.52
CA LYS A 62 9.17 -10.43 -9.25
C LYS A 62 9.79 -9.66 -10.40
N ARG A 63 9.23 -9.80 -11.60
CA ARG A 63 9.77 -9.15 -12.78
C ARG A 63 8.65 -9.01 -13.82
N HIS A 64 9.02 -8.59 -15.03
CA HIS A 64 8.06 -8.18 -16.07
C HIS A 64 7.47 -9.37 -16.83
N LEU A 65 6.43 -9.10 -17.66
CA LEU A 65 5.67 -10.17 -18.30
C LEU A 65 5.36 -9.87 -19.76
N THR A 66 5.15 -10.93 -20.55
CA THR A 66 4.68 -10.77 -21.92
C THR A 66 3.16 -10.83 -21.98
N ILE A 67 2.62 -10.41 -23.12
CA ILE A 67 1.18 -10.57 -23.35
C ILE A 67 0.79 -12.04 -23.19
N ALA A 68 1.57 -12.93 -23.79
CA ALA A 68 1.27 -14.37 -23.74
C ALA A 68 1.30 -14.88 -22.30
N GLN A 69 2.24 -14.41 -21.48
CA GLN A 69 2.25 -14.85 -20.09
C GLN A 69 1.02 -14.36 -19.34
N ILE A 70 0.67 -13.09 -19.53
CA ILE A 70 -0.51 -12.54 -18.83
C ILE A 70 -1.76 -13.27 -19.28
N SER A 71 -1.91 -13.49 -20.59
CA SER A 71 -3.05 -14.23 -21.11
C SER A 71 -3.14 -15.63 -20.52
N HIS A 72 -1.99 -16.31 -20.36
N HIS A 72 -1.99 -16.30 -20.37
CA HIS A 72 -1.99 -17.68 -19.86
CA HIS A 72 -1.98 -17.65 -19.85
C HIS A 72 -2.42 -17.72 -18.39
C HIS A 72 -2.44 -17.70 -18.39
N ARG A 73 -2.01 -16.73 -17.60
CA ARG A 73 -2.32 -16.74 -16.17
C ARG A 73 -3.77 -16.33 -15.91
N THR A 74 -4.29 -15.39 -16.70
CA THR A 74 -5.65 -14.86 -16.51
C THR A 74 -6.72 -15.60 -17.31
N GLU A 75 -6.30 -16.28 -18.38
CA GLU A 75 -7.11 -16.90 -19.43
C GLU A 75 -7.92 -15.89 -20.22
N ILE A 76 -7.60 -14.62 -20.11
CA ILE A 76 -8.18 -13.57 -20.93
C ILE A 76 -7.50 -13.64 -22.30
N PRO A 77 -8.25 -13.54 -23.41
CA PRO A 77 -7.61 -13.61 -24.74
C PRO A 77 -6.50 -12.57 -24.93
N ARG A 78 -5.53 -12.93 -25.80
CA ARG A 78 -4.38 -12.05 -26.01
C ARG A 78 -4.78 -10.68 -26.57
N ALA A 79 -5.71 -10.65 -27.53
CA ALA A 79 -6.16 -9.35 -28.04
C ALA A 79 -6.62 -8.43 -26.89
N ALA A 80 -7.42 -8.97 -25.97
CA ALA A 80 -7.93 -8.14 -24.88
C ALA A 80 -6.82 -7.74 -23.93
N VAL A 81 -5.91 -8.67 -23.63
CA VAL A 81 -4.77 -8.33 -22.78
C VAL A 81 -3.98 -7.19 -23.42
N ARG A 82 -3.77 -7.27 -24.74
CA ARG A 82 -3.04 -6.22 -25.44
C ARG A 82 -3.75 -4.88 -25.28
N ARG A 83 -5.08 -4.83 -25.48
CA ARG A 83 -5.76 -3.54 -25.42
C ARG A 83 -5.77 -3.01 -24.00
N CYS A 84 -5.88 -3.90 -23.01
CA CYS A 84 -5.85 -3.44 -21.62
C CYS A 84 -4.49 -2.85 -21.28
N LEU A 85 -3.41 -3.57 -21.63
CA LEU A 85 -2.06 -3.06 -21.39
C LEU A 85 -1.84 -1.73 -22.07
N HIS A 86 -2.23 -1.65 -23.34
CA HIS A 86 -2.12 -0.38 -24.04
C HIS A 86 -2.83 0.74 -23.28
N THR A 87 -4.04 0.46 -22.77
CA THR A 87 -4.76 1.49 -22.03
C THR A 87 -4.01 1.85 -20.75
N LEU A 88 -3.54 0.83 -20.04
CA LEU A 88 -2.77 1.14 -18.81
C LEU A 88 -1.52 1.97 -19.15
N ILE A 89 -0.85 1.68 -20.26
CA ILE A 89 0.32 2.49 -20.64
C ILE A 89 -0.07 3.94 -20.89
N LYS A 90 -1.15 4.13 -21.64
CA LYS A 90 -1.58 5.51 -21.91
C LYS A 90 -1.92 6.27 -20.65
N LEU A 91 -2.42 5.59 -19.64
CA LEU A 91 -2.85 6.25 -18.43
C LEU A 91 -1.71 6.39 -17.41
N GLY A 92 -0.55 5.83 -17.71
CA GLY A 92 0.58 5.92 -16.77
C GLY A 92 0.62 4.86 -15.70
N TYR A 93 -0.11 3.74 -15.88
CA TYR A 93 -0.04 2.66 -14.93
C TYR A 93 0.89 1.54 -15.35
N ALA A 94 1.37 1.55 -16.59
CA ALA A 94 2.29 0.50 -17.03
C ALA A 94 3.21 1.04 -18.11
N THR A 95 4.22 0.25 -18.43
CA THR A 95 5.19 0.56 -19.46
C THR A 95 5.57 -0.71 -20.21
N THR A 96 6.18 -0.53 -21.37
CA THR A 96 6.59 -1.67 -22.18
C THR A 96 7.83 -1.36 -23.00
N ASP A 97 8.57 -2.41 -23.38
CA ASP A 97 9.60 -2.27 -24.39
C ASP A 97 9.16 -2.93 -25.69
N GLY A 98 7.88 -3.26 -25.79
CA GLY A 98 7.36 -3.93 -26.99
C GLY A 98 7.27 -5.44 -26.89
N ARG A 99 8.00 -6.05 -25.97
CA ARG A 99 7.97 -7.49 -25.72
C ARG A 99 7.46 -7.82 -24.32
N THR A 100 8.03 -7.17 -23.29
CA THR A 100 7.54 -7.31 -21.92
C THR A 100 6.93 -6.02 -21.40
N TYR A 101 6.18 -6.16 -20.31
CA TYR A 101 5.39 -5.09 -19.72
C TYR A 101 5.63 -5.08 -18.22
N SER A 102 5.64 -3.86 -17.66
CA SER A 102 5.83 -3.69 -16.21
C SER A 102 4.81 -2.73 -15.70
N LEU A 103 4.40 -2.93 -14.44
CA LEU A 103 3.56 -1.89 -13.87
C LEU A 103 4.42 -0.68 -13.41
N LEU A 104 3.76 0.48 -13.35
CA LEU A 104 4.38 1.73 -12.87
C LEU A 104 3.88 2.09 -11.46
N PRO A 105 4.68 2.86 -10.72
CA PRO A 105 4.31 3.17 -9.33
C PRO A 105 2.95 3.81 -9.17
N LYS A 106 2.40 4.46 -10.21
CA LYS A 106 1.04 5.01 -10.11
C LYS A 106 0.04 3.99 -9.62
N VAL A 107 0.27 2.71 -9.89
CA VAL A 107 -0.63 1.68 -9.36
C VAL A 107 -0.78 1.81 -7.85
N LEU A 108 0.30 2.18 -7.15
CA LEU A 108 0.24 2.32 -5.71
C LEU A 108 -0.80 3.35 -5.28
N THR A 109 -1.06 4.33 -6.13
CA THR A 109 -1.97 5.39 -5.72
C THR A 109 -3.39 4.84 -5.65
N LEU A 110 -3.66 3.72 -6.34
CA LEU A 110 -4.97 3.08 -6.18
C LEU A 110 -5.15 2.58 -4.75
N GLY A 111 -4.11 1.96 -4.19
CA GLY A 111 -4.24 1.53 -2.80
C GLY A 111 -4.34 2.72 -1.84
N HIS A 112 -3.59 3.80 -2.14
CA HIS A 112 -3.65 4.97 -1.26
C HIS A 112 -5.06 5.56 -1.24
N ALA A 113 -5.80 5.42 -2.35
CA ALA A 113 -7.19 5.92 -2.33
C ALA A 113 -8.02 5.22 -1.26
N TYR A 114 -7.78 3.94 -1.05
CA TYR A 114 -8.46 3.23 0.02
C TYR A 114 -7.94 3.69 1.36
N LEU A 115 -6.62 3.77 1.51
CA LEU A 115 -6.11 4.08 2.84
C LEU A 115 -6.55 5.44 3.29
N SER A 116 -6.57 6.42 2.37
CA SER A 116 -6.84 7.78 2.76
C SER A 116 -8.33 8.08 2.85
N SER A 117 -9.17 7.10 2.56
CA SER A 117 -10.61 7.27 2.64
C SER A 117 -11.22 6.33 3.67
N THR A 118 -10.39 5.66 4.47
CA THR A 118 -10.88 4.69 5.44
C THR A 118 -10.48 5.01 6.88
N PRO A 119 -11.41 5.54 7.71
CA PRO A 119 -11.00 5.92 9.07
C PRO A 119 -10.44 4.79 9.89
N LEU A 120 -10.86 3.54 9.67
CA LEU A 120 -10.32 2.45 10.46
C LEU A 120 -8.80 2.33 10.26
N ALA A 121 -8.34 2.40 9.01
CA ALA A 121 -6.92 2.28 8.71
C ALA A 121 -6.16 3.50 9.21
N ILE A 122 -6.75 4.68 9.04
CA ILE A 122 -6.11 5.93 9.45
C ILE A 122 -5.96 5.96 10.96
N SER A 123 -7.04 5.67 11.68
CA SER A 123 -7.02 5.79 13.14
C SER A 123 -6.25 4.66 13.79
N ALA A 124 -6.08 3.54 13.08
CA ALA A 124 -5.36 2.41 13.67
C ALA A 124 -3.87 2.71 13.79
N GLN A 125 -3.33 3.58 12.93
CA GLN A 125 -1.88 3.72 12.79
C GLN A 125 -1.18 4.20 14.06
N PRO A 126 -1.64 5.26 14.75
CA PRO A 126 -0.97 5.64 16.02
C PRO A 126 -0.95 4.55 17.07
N TYR A 127 -2.01 3.73 17.15
CA TYR A 127 -2.02 2.58 18.07
C TYR A 127 -0.98 1.55 17.67
N LEU A 128 -0.93 1.20 16.40
CA LEU A 128 0.11 0.25 15.98
C LEU A 128 1.51 0.76 16.28
N ASP A 129 1.76 2.05 16.00
CA ASP A 129 3.07 2.65 16.27
C ASP A 129 3.41 2.58 17.76
N ARG A 130 2.45 2.92 18.62
CA ARG A 130 2.72 2.89 20.06
C ARG A 130 2.98 1.48 20.52
N ILE A 131 2.15 0.53 20.04
CA ILE A 131 2.36 -0.87 20.44
C ILE A 131 3.76 -1.31 20.04
N SER A 132 4.13 -1.06 18.79
CA SER A 132 5.43 -1.50 18.31
C SER A 132 6.57 -0.85 19.08
N ASP A 133 6.42 0.44 19.42
CA ASP A 133 7.42 1.13 20.22
C ASP A 133 7.57 0.50 21.59
N GLN A 134 6.45 0.17 22.24
CA GLN A 134 6.49 -0.38 23.61
C GLN A 134 7.11 -1.76 23.63
N LEU A 135 6.74 -2.60 22.68
CA LEU A 135 7.10 -4.00 22.70
C LEU A 135 8.32 -4.32 21.85
N HIS A 136 8.67 -3.42 20.95
CA HIS A 136 9.78 -3.64 20.01
C HIS A 136 9.49 -4.90 19.23
N GLU A 137 8.24 -4.98 18.78
CA GLU A 137 7.77 -6.03 17.92
C GLU A 137 6.87 -5.39 16.87
N ALA A 138 6.62 -6.15 15.80
CA ALA A 138 5.75 -5.68 14.74
C ALA A 138 4.30 -5.79 15.18
N ALA A 139 3.49 -4.79 14.83
CA ALA A 139 2.06 -4.85 15.12
C ALA A 139 1.31 -4.58 13.82
N ASN A 140 0.22 -5.34 13.62
CA ASN A 140 -0.48 -5.35 12.34
C ASN A 140 -1.97 -5.30 12.56
N MET A 141 -2.68 -4.89 11.51
CA MET A 141 -4.12 -5.01 11.46
C MET A 141 -4.55 -5.51 10.10
N ALA A 142 -5.46 -6.47 10.14
CA ALA A 142 -5.85 -7.20 8.92
C ALA A 142 -7.34 -7.41 8.87
N THR A 143 -7.86 -7.55 7.66
CA THR A 143 -9.24 -7.90 7.43
C THR A 143 -9.29 -9.20 6.65
N LEU A 144 -10.48 -9.73 6.46
CA LEU A 144 -10.60 -10.96 5.70
C LEU A 144 -10.90 -10.66 4.24
N GLU A 145 -10.15 -11.28 3.31
CA GLU A 145 -10.48 -11.22 1.87
C GLU A 145 -10.48 -12.65 1.35
N GLY A 146 -11.67 -13.16 1.05
CA GLY A 146 -11.72 -14.52 0.53
C GLY A 146 -11.28 -15.47 1.61
N ASP A 147 -10.31 -16.33 1.31
CA ASP A 147 -9.78 -17.26 2.31
C ASP A 147 -8.51 -16.75 2.96
N ASP A 148 -8.14 -15.50 2.74
CA ASP A 148 -6.89 -14.97 3.28
C ASP A 148 -7.17 -13.79 4.22
N ILE A 149 -6.22 -13.49 5.05
CA ILE A 149 -6.24 -12.17 5.69
C ILE A 149 -5.44 -11.22 4.83
N LEU A 150 -5.81 -9.94 4.90
CA LEU A 150 -5.25 -8.90 4.06
C LEU A 150 -4.76 -7.84 4.99
N TYR A 151 -3.47 -7.53 4.95
CA TYR A 151 -2.93 -6.54 5.92
C TYR A 151 -3.30 -5.12 5.46
N ILE A 152 -4.01 -4.36 6.30
CA ILE A 152 -4.38 -2.99 5.93
C ILE A 152 -3.53 -1.96 6.64
N ALA A 153 -2.88 -2.31 7.75
CA ALA A 153 -1.96 -1.34 8.37
C ALA A 153 -0.89 -2.11 9.17
N ARG A 154 0.30 -1.54 9.24
CA ARG A 154 1.38 -2.20 9.96
C ARG A 154 2.23 -1.16 10.64
N SER A 155 2.79 -1.50 11.78
CA SER A 155 3.80 -0.65 12.38
C SER A 155 5.03 -1.48 12.59
N ALA A 156 6.05 -1.10 11.83
CA ALA A 156 7.42 -1.60 11.74
C ALA A 156 7.77 -2.79 12.59
N LEU A 166 6.38 -9.00 5.22
CA LEU A 166 5.04 -8.54 4.85
C LEU A 166 4.97 -7.04 4.61
N SER A 167 3.96 -6.64 3.84
CA SER A 167 3.64 -5.25 3.64
C SER A 167 2.13 -5.07 3.61
N VAL A 168 1.70 -3.82 3.76
CA VAL A 168 0.30 -3.47 3.54
C VAL A 168 -0.14 -3.91 2.14
N GLY A 169 -1.29 -4.55 2.07
CA GLY A 169 -1.74 -5.12 0.84
C GLY A 169 -1.32 -6.54 0.64
N GLY A 170 -0.45 -7.07 1.51
CA GLY A 170 -0.07 -8.46 1.42
C GLY A 170 -1.12 -9.38 2.02
N ARG A 171 -1.08 -10.65 1.65
CA ARG A 171 -2.07 -11.61 2.10
C ARG A 171 -1.42 -12.87 2.71
N LEU A 172 -2.10 -13.49 3.65
CA LEU A 172 -1.66 -14.73 4.27
C LEU A 172 -2.89 -15.60 4.46
N PRO A 173 -2.73 -16.94 4.55
CA PRO A 173 -3.91 -17.78 4.78
C PRO A 173 -4.53 -17.53 6.14
N ALA A 174 -5.86 -17.65 6.21
CA ALA A 174 -6.54 -17.38 7.48
C ALA A 174 -6.38 -18.52 8.45
N TYR A 175 -6.26 -19.76 7.98
CA TYR A 175 -6.41 -20.88 8.91
C TYR A 175 -5.24 -21.06 9.86
N CYS A 176 -4.07 -20.56 9.51
CA CYS A 176 -2.87 -20.79 10.29
C CYS A 176 -2.22 -19.47 10.72
N THR A 177 -2.99 -18.37 10.78
CA THR A 177 -2.51 -17.11 11.34
C THR A 177 -3.41 -16.68 12.50
N SER A 178 -2.84 -15.89 13.44
CA SER A 178 -3.62 -15.51 14.60
C SER A 178 -4.73 -14.53 14.20
N MET A 179 -4.45 -13.60 13.27
CA MET A 179 -5.56 -12.75 12.86
C MET A 179 -6.60 -13.55 12.09
N GLY A 180 -6.12 -14.47 11.24
CA GLY A 180 -7.05 -15.33 10.50
C GLY A 180 -8.02 -16.03 11.43
N ARG A 181 -7.51 -16.60 12.52
CA ARG A 181 -8.37 -17.34 13.42
C ARG A 181 -9.35 -16.43 14.17
N ILE A 182 -8.96 -15.20 14.51
CA ILE A 182 -9.90 -14.21 15.04
C ILE A 182 -11.02 -13.98 14.05
N LEU A 183 -10.68 -13.71 12.78
CA LEU A 183 -11.70 -13.40 11.79
C LEU A 183 -12.59 -14.61 11.43
N LEU A 184 -12.01 -15.81 11.39
CA LEU A 184 -12.83 -17.00 11.24
C LEU A 184 -13.73 -17.22 12.45
N ALA A 185 -13.25 -16.94 13.66
CA ALA A 185 -14.06 -17.09 14.85
C ALA A 185 -15.29 -16.19 14.79
N ALA A 186 -15.18 -15.05 14.10
CA ALA A 186 -16.29 -14.11 14.00
C ALA A 186 -17.37 -14.59 13.05
N MET A 187 -17.04 -15.52 12.15
CA MET A 187 -18.06 -16.01 11.22
C MET A 187 -19.14 -16.81 11.92
N ASP A 188 -20.32 -16.82 11.32
CA ASP A 188 -21.32 -17.76 11.80
C ASP A 188 -20.92 -19.16 11.31
N ASP A 189 -21.54 -20.18 11.92
CA ASP A 189 -21.04 -21.54 11.73
C ASP A 189 -21.26 -22.05 10.30
N THR A 190 -22.30 -21.60 9.61
CA THR A 190 -22.46 -21.99 8.22
C THR A 190 -21.31 -21.45 7.37
N SER A 191 -20.97 -20.17 7.55
CA SER A 191 -19.85 -19.60 6.80
C SER A 191 -18.54 -20.24 7.20
N LEU A 192 -18.37 -20.56 8.49
CA LEU A 192 -17.12 -21.19 8.92
C LEU A 192 -16.99 -22.58 8.31
N ARG A 193 -18.07 -23.34 8.26
CA ARG A 193 -17.94 -24.68 7.70
C ARG A 193 -17.70 -24.62 6.19
N GLU A 194 -18.39 -23.72 5.51
CA GLU A 194 -18.11 -23.50 4.08
C GLU A 194 -16.64 -23.19 3.87
N TYR A 195 -16.08 -22.33 4.72
CA TYR A 195 -14.66 -22.04 4.62
C TYR A 195 -13.85 -23.32 4.83
N LEU A 196 -14.15 -24.07 5.90
CA LEU A 196 -13.26 -25.19 6.24
C LEU A 196 -13.27 -26.27 5.17
N GLU A 197 -14.40 -26.50 4.51
CA GLU A 197 -14.47 -27.48 3.41
C GLU A 197 -13.79 -26.99 2.16
N ARG A 198 -13.75 -25.67 1.95
CA ARG A 198 -13.25 -25.05 0.73
C ARG A 198 -11.76 -24.81 0.78
N ALA A 199 -11.27 -24.33 1.92
CA ALA A 199 -9.91 -23.80 2.00
C ALA A 199 -8.89 -24.91 1.80
N ASP A 200 -7.72 -24.54 1.31
CA ASP A 200 -6.62 -25.46 1.16
C ASP A 200 -5.83 -25.47 2.45
N LEU A 201 -5.94 -26.55 3.23
CA LEU A 201 -5.37 -26.55 4.57
C LEU A 201 -4.02 -27.27 4.57
N LYS A 202 -3.03 -26.67 3.93
CA LYS A 202 -1.73 -27.33 3.84
C LYS A 202 -1.04 -27.36 5.19
N ALA A 203 -0.32 -28.43 5.44
CA ALA A 203 0.56 -28.51 6.60
C ALA A 203 1.83 -27.73 6.29
N ARG A 204 2.00 -26.57 6.90
CA ARG A 204 3.17 -25.76 6.58
C ARG A 204 4.32 -26.03 7.52
N THR A 205 4.04 -26.35 8.78
CA THR A 205 5.04 -26.82 9.73
C THR A 205 4.51 -28.11 10.35
N SER A 206 5.33 -28.74 11.20
CA SER A 206 4.88 -29.93 11.92
C SER A 206 3.78 -29.62 12.93
N ARG A 207 3.53 -28.35 13.22
CA ARG A 207 2.53 -27.97 14.20
C ARG A 207 1.23 -27.53 13.55
N THR A 208 1.24 -27.24 12.24
CA THR A 208 0.05 -26.68 11.62
C THR A 208 -1.17 -27.57 11.82
N LEU A 209 -2.27 -26.99 12.29
CA LEU A 209 -3.53 -27.73 12.25
C LEU A 209 -4.03 -27.72 10.82
N ASN A 210 -4.25 -28.89 10.26
CA ASN A 210 -4.49 -28.98 8.82
C ASN A 210 -5.67 -29.83 8.41
N ASP A 211 -6.67 -29.98 9.28
CA ASP A 211 -7.89 -30.66 8.87
C ASP A 211 -9.07 -29.90 9.45
N PRO A 212 -10.24 -29.98 8.80
CA PRO A 212 -11.37 -29.14 9.22
C PRO A 212 -11.85 -29.39 10.64
N GLU A 213 -11.85 -30.64 11.10
CA GLU A 213 -12.30 -30.91 12.46
C GLU A 213 -11.36 -30.31 13.48
N SER A 214 -10.05 -30.52 13.32
CA SER A 214 -9.11 -29.95 14.30
C SER A 214 -9.19 -28.42 14.29
N LEU A 215 -9.33 -27.84 13.09
CA LEU A 215 -9.35 -26.38 13.00
C LEU A 215 -10.62 -25.81 13.61
N PHE A 216 -11.75 -26.49 13.42
CA PHE A 216 -13.00 -26.05 14.02
C PHE A 216 -12.90 -26.04 15.53
N ALA A 217 -12.31 -27.07 16.10
CA ALA A 217 -12.12 -27.08 17.56
C ALA A 217 -11.26 -25.92 18.00
N CYS A 218 -10.22 -25.61 17.23
CA CYS A 218 -9.36 -24.50 17.58
C CYS A 218 -10.12 -23.19 17.55
N ILE A 219 -10.97 -23.01 16.52
CA ILE A 219 -11.76 -21.81 16.42
C ILE A 219 -12.75 -21.68 17.55
N GLN A 220 -13.37 -22.80 17.98
CA GLN A 220 -14.25 -22.71 19.15
C GLN A 220 -13.49 -22.25 20.39
N GLN A 221 -12.21 -22.61 20.51
CA GLN A 221 -11.44 -22.17 21.67
C GLN A 221 -11.10 -20.69 21.57
N VAL A 222 -10.78 -20.20 20.36
CA VAL A 222 -10.56 -18.78 20.14
C VAL A 222 -11.84 -17.99 20.48
N ARG A 223 -13.02 -18.51 20.07
CA ARG A 223 -14.26 -17.87 20.44
C ARG A 223 -14.41 -17.75 21.95
N ALA A 224 -14.13 -18.84 22.67
CA ALA A 224 -14.26 -18.82 24.13
C ALA A 224 -13.30 -17.82 24.76
N GLN A 225 -12.10 -17.68 24.18
CA GLN A 225 -11.02 -16.84 24.71
C GLN A 225 -11.20 -15.36 24.46
N GLY A 226 -11.56 -14.99 23.24
CA GLY A 226 -11.52 -13.62 22.81
C GLY A 226 -10.18 -13.21 22.25
N TRP A 227 -9.27 -14.15 22.05
CA TRP A 227 -7.92 -13.86 21.57
C TRP A 227 -7.38 -15.16 21.00
N CYS A 228 -6.26 -15.04 20.25
CA CYS A 228 -5.66 -16.22 19.66
C CYS A 228 -4.14 -16.09 19.66
N VAL A 229 -3.44 -17.18 20.03
CA VAL A 229 -1.99 -17.30 19.83
C VAL A 229 -1.77 -18.41 18.81
N VAL A 230 -0.97 -18.13 17.79
CA VAL A 230 -0.49 -19.14 16.87
C VAL A 230 1.01 -19.27 17.08
N ASP A 231 1.44 -20.48 17.32
CA ASP A 231 2.83 -20.77 17.67
C ASP A 231 3.37 -21.63 16.53
N GLN A 232 4.08 -20.99 15.60
CA GLN A 232 4.85 -21.71 14.56
C GLN A 232 3.98 -22.69 13.76
N GLU A 233 2.79 -22.23 13.36
CA GLU A 233 1.94 -22.98 12.44
C GLU A 233 2.02 -22.46 11.01
N LEU A 234 2.49 -21.23 10.82
CA LEU A 234 2.73 -20.69 9.49
C LEU A 234 4.17 -20.86 9.06
N GLU A 235 5.14 -20.62 9.95
CA GLU A 235 6.53 -20.92 9.63
C GLU A 235 7.30 -21.04 10.94
N GLN A 236 8.40 -21.78 10.90
CA GLN A 236 9.14 -22.01 12.12
C GLN A 236 9.64 -20.69 12.69
N GLY A 237 9.66 -20.60 14.01
CA GLY A 237 10.14 -19.40 14.66
C GLY A 237 9.15 -18.26 14.77
N LEU A 238 8.03 -18.29 14.03
CA LEU A 238 7.05 -17.20 14.03
C LEU A 238 5.96 -17.49 15.03
N ARG A 239 5.66 -16.53 15.90
CA ARG A 239 4.59 -16.72 16.87
C ARG A 239 3.88 -15.40 17.05
N SER A 240 2.55 -15.41 17.18
CA SER A 240 1.86 -14.13 17.21
C SER A 240 0.63 -14.24 18.08
N ILE A 241 0.14 -13.08 18.51
CA ILE A 241 -1.08 -13.03 19.29
C ILE A 241 -1.99 -11.96 18.71
N ALA A 242 -3.27 -12.26 18.63
CA ALA A 242 -4.20 -11.34 17.99
C ALA A 242 -5.50 -11.21 18.78
N VAL A 243 -6.16 -10.05 18.63
CA VAL A 243 -7.47 -9.79 19.22
C VAL A 243 -8.39 -9.19 18.15
N PRO A 244 -9.71 -9.22 18.38
CA PRO A 244 -10.61 -8.57 17.42
C PRO A 244 -10.69 -7.06 17.64
N VAL A 245 -11.02 -6.39 16.56
CA VAL A 245 -11.42 -4.98 16.57
C VAL A 245 -12.90 -4.89 16.23
N TYR A 246 -13.70 -4.31 17.14
CA TYR A 246 -15.15 -4.24 17.04
C TYR A 246 -15.58 -2.84 16.62
N ASP A 247 -16.78 -2.74 16.02
CA ASP A 247 -17.47 -1.47 16.05
C ASP A 247 -18.41 -1.42 17.28
N ALA A 248 -19.20 -0.35 17.38
CA ALA A 248 -20.07 -0.16 18.56
C ALA A 248 -21.19 -1.18 18.64
N SER A 249 -21.60 -1.74 17.51
CA SER A 249 -22.63 -2.76 17.48
C SER A 249 -22.09 -4.17 17.71
N GLY A 250 -20.81 -4.32 17.98
CA GLY A 250 -20.27 -5.63 18.29
C GLY A 250 -19.88 -6.47 17.10
N GLN A 251 -19.91 -5.90 15.88
CA GLN A 251 -19.43 -6.61 14.70
C GLN A 251 -17.92 -6.66 14.69
N VAL A 252 -17.34 -7.83 14.37
CA VAL A 252 -15.87 -7.78 14.25
C VAL A 252 -15.47 -7.16 12.91
N LEU A 253 -14.71 -6.08 12.96
CA LEU A 253 -14.33 -5.39 11.72
C LEU A 253 -12.97 -5.82 11.19
N ALA A 254 -12.07 -6.21 12.07
CA ALA A 254 -10.69 -6.46 11.71
C ALA A 254 -10.07 -7.15 12.90
N ALA A 255 -8.79 -7.49 12.76
CA ALA A 255 -8.04 -8.10 13.87
C ALA A 255 -6.76 -7.31 14.03
N LEU A 256 -6.27 -7.24 15.28
CA LEU A 256 -5.03 -6.57 15.64
C LEU A 256 -4.08 -7.63 16.16
N ASN A 257 -2.79 -7.55 15.81
CA ASN A 257 -1.90 -8.56 16.38
C ASN A 257 -0.52 -7.97 16.63
N VAL A 258 0.28 -8.75 17.36
CA VAL A 258 1.71 -8.55 17.50
C VAL A 258 2.37 -9.85 17.07
N SER A 259 3.40 -9.76 16.28
CA SER A 259 4.13 -10.96 15.88
C SER A 259 5.60 -10.89 16.29
N THR A 260 6.17 -12.05 16.62
CA THR A 260 7.49 -12.17 17.25
C THR A 260 8.20 -13.39 16.69
N HIS A 261 9.41 -13.59 17.20
CA HIS A 261 10.17 -14.81 16.98
C HIS A 261 10.29 -15.58 18.29
N VAL A 262 10.65 -16.85 18.17
CA VAL A 262 10.83 -17.69 19.35
C VAL A 262 11.99 -17.22 20.21
N GLY A 263 12.92 -16.44 19.64
CA GLY A 263 14.14 -16.02 20.30
C GLY A 263 14.06 -15.80 21.80
N ARG A 264 13.15 -14.94 22.25
CA ARG A 264 13.11 -14.59 23.66
C ARG A 264 11.72 -14.32 24.21
N VAL A 265 10.67 -14.37 23.41
CA VAL A 265 9.31 -14.10 23.88
C VAL A 265 8.60 -15.43 24.10
N THR A 266 8.26 -15.73 25.37
CA THR A 266 7.57 -16.96 25.74
C THR A 266 6.07 -16.80 25.57
N ARG A 267 5.38 -17.94 25.50
CA ARG A 267 3.93 -17.86 25.37
C ARG A 267 3.31 -17.16 26.57
N SER A 268 3.91 -17.32 27.75
CA SER A 268 3.41 -16.64 28.94
C SER A 268 3.52 -15.13 28.78
N GLU A 269 4.64 -14.65 28.21
CA GLU A 269 4.76 -13.24 27.88
C GLU A 269 3.69 -12.76 26.92
N LEU A 270 3.43 -13.53 25.85
CA LEU A 270 2.39 -13.14 24.90
C LEU A 270 1.07 -12.92 25.61
N GLU A 271 0.69 -13.90 26.45
CA GLU A 271 -0.62 -13.91 27.09
C GLU A 271 -0.68 -13.00 28.30
N GLN A 272 0.44 -12.82 29.00
CA GLN A 272 0.38 -12.00 30.18
C GLN A 272 0.79 -10.56 29.95
N ARG A 273 1.70 -10.30 29.02
CA ARG A 273 2.14 -8.93 28.79
C ARG A 273 1.57 -8.33 27.51
N PHE A 274 1.61 -9.04 26.39
CA PHE A 274 1.14 -8.47 25.13
C PHE A 274 -0.37 -8.35 25.10
N LEU A 275 -1.07 -9.39 25.57
CA LEU A 275 -2.51 -9.46 25.42
C LEU A 275 -3.22 -8.28 26.10
N PRO A 276 -2.95 -7.95 27.37
CA PRO A 276 -3.56 -6.74 27.95
C PRO A 276 -3.31 -5.47 27.14
N ILE A 277 -2.13 -5.32 26.51
CA ILE A 277 -1.87 -4.13 25.72
C ILE A 277 -2.74 -4.12 24.49
N LEU A 278 -2.78 -5.26 23.78
CA LEU A 278 -3.62 -5.36 22.59
C LEU A 278 -5.09 -5.12 22.91
N LEU A 279 -5.59 -5.74 24.00
CA LEU A 279 -6.99 -5.54 24.34
C LEU A 279 -7.27 -4.06 24.61
N ALA A 280 -6.36 -3.38 25.30
CA ALA A 280 -6.56 -1.96 25.63
C ALA A 280 -6.54 -1.11 24.36
N ALA A 281 -5.60 -1.37 23.45
CA ALA A 281 -5.52 -0.63 22.20
C ALA A 281 -6.78 -0.81 21.36
N SER A 282 -7.22 -2.05 21.26
CA SER A 282 -8.39 -2.32 20.42
C SER A 282 -9.63 -1.66 21.00
N ARG A 283 -9.78 -1.70 22.34
CA ARG A 283 -10.92 -1.02 22.95
C ARG A 283 -10.83 0.47 22.72
N ASP A 284 -9.61 1.04 22.83
CA ASP A 284 -9.43 2.47 22.60
C ASP A 284 -9.81 2.83 21.18
N LEU A 285 -9.40 2.01 20.22
CA LEU A 285 -9.67 2.32 18.82
C LEU A 285 -11.16 2.30 18.57
N CYS A 286 -11.83 1.26 19.06
CA CYS A 286 -13.27 1.17 18.87
C CYS A 286 -13.96 2.40 19.44
N HIS A 287 -13.59 2.79 20.66
CA HIS A 287 -14.27 3.92 21.28
C HIS A 287 -14.00 5.22 20.53
N GLN A 288 -12.76 5.38 20.04
CA GLN A 288 -12.39 6.58 19.32
C GLN A 288 -13.18 6.70 18.03
N LEU A 289 -13.33 5.58 17.30
CA LEU A 289 -14.02 5.61 15.99
C LEU A 289 -15.54 5.60 16.10
N PHE A 290 -16.09 4.90 17.08
CA PHE A 290 -17.52 4.62 17.11
C PHE A 290 -18.23 5.07 18.38
N GLY A 291 -17.50 5.50 19.40
CA GLY A 291 -18.10 5.92 20.67
C GLY A 291 -18.59 4.75 21.51
N ALA B 24 -10.06 -11.40 28.57
CA ALA B 24 -10.80 -10.93 27.39
C ALA B 24 -12.20 -11.53 27.32
N PRO B 25 -13.16 -10.75 26.81
CA PRO B 25 -14.51 -11.27 26.66
C PRO B 25 -14.55 -12.19 25.47
N PRO B 26 -15.38 -13.24 25.48
CA PRO B 26 -15.46 -14.11 24.32
C PRO B 26 -15.97 -13.41 23.06
N ILE B 27 -15.58 -13.94 21.91
CA ILE B 27 -16.19 -13.58 20.64
C ILE B 27 -17.52 -14.30 20.52
N VAL B 28 -18.60 -13.55 20.43
CA VAL B 28 -19.95 -14.09 20.34
C VAL B 28 -20.54 -13.75 18.97
N ALA B 29 -21.71 -14.31 18.68
CA ALA B 29 -22.41 -14.08 17.40
C ALA B 29 -23.02 -12.69 17.31
N GLY B 40 -8.69 8.27 -34.24
CA GLY B 40 -9.08 7.83 -32.92
C GLY B 40 -8.20 6.70 -32.42
N ASP B 41 -8.33 6.33 -31.15
CA ASP B 41 -7.55 5.20 -30.65
C ASP B 41 -8.49 4.08 -30.30
N PRO B 42 -8.69 3.11 -31.19
CA PRO B 42 -9.71 2.11 -30.97
C PRO B 42 -9.31 1.11 -29.95
N ASP B 43 -8.03 1.06 -29.60
CA ASP B 43 -7.54 0.16 -28.58
C ASP B 43 -7.53 0.79 -27.19
N PHE B 44 -8.00 2.02 -27.04
CA PHE B 44 -8.07 2.62 -25.71
C PHE B 44 -9.41 2.24 -25.08
N MET B 45 -9.36 1.56 -23.94
CA MET B 45 -10.58 0.97 -23.35
C MET B 45 -11.12 1.95 -22.33
N THR B 46 -12.10 2.73 -22.74
CA THR B 46 -12.62 3.82 -21.94
C THR B 46 -13.17 3.35 -20.61
N SER B 47 -13.80 2.17 -20.56
CA SER B 47 -14.38 1.78 -19.26
C SER B 47 -13.31 1.41 -18.25
N LEU B 48 -12.18 0.87 -18.72
CA LEU B 48 -11.06 0.63 -17.77
C LEU B 48 -10.52 1.97 -17.27
N ALA B 49 -10.34 2.93 -18.19
CA ALA B 49 -9.88 4.25 -17.76
C ALA B 49 -10.83 4.85 -16.72
N ARG B 50 -12.15 4.79 -17.00
CA ARG B 50 -13.12 5.35 -16.05
C ARG B 50 -13.12 4.65 -14.72
N GLY B 51 -13.00 3.31 -14.72
CA GLY B 51 -13.00 2.58 -13.46
C GLY B 51 -11.80 2.93 -12.58
N LEU B 52 -10.62 3.05 -13.18
CA LEU B 52 -9.46 3.46 -12.37
C LEU B 52 -9.60 4.91 -11.88
N ALA B 53 -10.21 5.78 -12.68
CA ALA B 53 -10.42 7.17 -12.22
C ALA B 53 -11.43 7.21 -11.10
N VAL B 54 -12.45 6.36 -11.15
CA VAL B 54 -13.42 6.28 -10.05
C VAL B 54 -12.72 5.87 -8.75
N ILE B 55 -11.80 4.91 -8.82
CA ILE B 55 -11.07 4.55 -7.62
C ILE B 55 -10.29 5.76 -7.12
N GLN B 56 -9.66 6.47 -8.04
CA GLN B 56 -8.86 7.65 -7.62
C GLN B 56 -9.71 8.75 -7.01
N ALA B 57 -11.02 8.79 -7.31
CA ALA B 57 -11.88 9.84 -6.80
C ALA B 57 -12.01 9.77 -5.29
N PHE B 58 -11.67 8.62 -4.68
CA PHE B 58 -11.77 8.50 -3.24
C PHE B 58 -10.59 9.11 -2.50
N GLN B 59 -9.53 9.51 -3.20
CA GLN B 59 -8.35 10.05 -2.49
C GLN B 59 -8.76 11.10 -1.48
N GLU B 60 -8.34 10.90 -0.22
CA GLU B 60 -8.51 11.90 0.83
C GLU B 60 -9.98 12.26 1.03
N ARG B 61 -10.87 11.28 0.89
CA ARG B 61 -12.30 11.49 1.17
C ARG B 61 -12.67 10.49 2.27
N LYS B 62 -12.83 10.97 3.50
CA LYS B 62 -13.06 10.01 4.60
C LYS B 62 -14.53 9.62 4.74
N ARG B 63 -15.43 10.36 4.11
CA ARG B 63 -16.86 10.07 4.08
C ARG B 63 -17.22 9.38 2.77
N HIS B 64 -18.16 8.45 2.84
CA HIS B 64 -18.54 7.73 1.62
C HIS B 64 -19.04 8.71 0.57
N LEU B 65 -18.87 8.34 -0.68
CA LEU B 65 -19.11 9.28 -1.77
C LEU B 65 -20.38 8.90 -2.53
N THR B 66 -21.01 9.92 -3.10
CA THR B 66 -22.10 9.68 -4.03
C THR B 66 -21.61 9.65 -5.47
N ILE B 67 -22.49 9.15 -6.35
CA ILE B 67 -22.23 9.21 -7.79
C ILE B 67 -22.04 10.64 -8.23
N ALA B 68 -22.86 11.56 -7.69
CA ALA B 68 -22.76 12.96 -8.07
C ALA B 68 -21.37 13.49 -7.78
N GLN B 69 -20.84 13.14 -6.60
CA GLN B 69 -19.54 13.68 -6.19
C GLN B 69 -18.44 13.11 -7.06
N ILE B 70 -18.51 11.81 -7.32
CA ILE B 70 -17.49 11.18 -8.15
C ILE B 70 -17.53 11.72 -9.56
N SER B 71 -18.75 11.86 -10.12
CA SER B 71 -18.89 12.43 -11.45
C SER B 71 -18.35 13.86 -11.50
N HIS B 72 -18.58 14.65 -10.46
CA HIS B 72 -18.10 16.03 -10.43
C HIS B 72 -16.58 16.06 -10.41
N ARG B 73 -15.98 15.20 -9.60
CA ARG B 73 -14.53 15.22 -9.43
C ARG B 73 -13.80 14.72 -10.66
N THR B 74 -14.37 13.73 -11.32
CA THR B 74 -13.74 13.05 -12.43
C THR B 74 -14.19 13.56 -13.79
N GLU B 75 -15.27 14.37 -13.85
CA GLU B 75 -15.92 14.74 -15.11
C GLU B 75 -16.36 13.52 -15.94
N ILE B 76 -16.60 12.37 -15.31
CA ILE B 76 -17.17 11.19 -15.95
C ILE B 76 -18.69 11.22 -15.81
N PRO B 77 -19.45 10.96 -16.88
CA PRO B 77 -20.92 11.00 -16.76
C PRO B 77 -21.40 10.06 -15.68
N ARG B 78 -22.48 10.48 -15.03
CA ARG B 78 -23.01 9.72 -13.91
C ARG B 78 -23.34 8.27 -14.29
N ALA B 79 -23.95 8.05 -15.46
CA ALA B 79 -24.35 6.67 -15.71
C ALA B 79 -23.12 5.76 -15.82
N ALA B 80 -22.02 6.31 -16.36
CA ALA B 80 -20.81 5.51 -16.47
C ALA B 80 -20.18 5.31 -15.11
N VAL B 81 -20.22 6.34 -14.27
CA VAL B 81 -19.73 6.17 -12.88
C VAL B 81 -20.51 5.05 -12.20
N ARG B 82 -21.85 5.08 -12.33
CA ARG B 82 -22.67 4.03 -11.72
C ARG B 82 -22.25 2.65 -12.22
N ARG B 83 -22.06 2.46 -13.54
CA ARG B 83 -21.60 1.16 -14.06
C ARG B 83 -20.24 0.77 -13.51
N CYS B 84 -19.32 1.74 -13.45
CA CYS B 84 -17.99 1.45 -12.90
C CYS B 84 -18.08 0.95 -11.47
N LEU B 85 -18.86 1.68 -10.64
CA LEU B 85 -19.01 1.26 -9.24
C LEU B 85 -19.68 -0.11 -9.15
N HIS B 86 -20.67 -0.36 -9.99
CA HIS B 86 -21.32 -1.66 -9.96
C HIS B 86 -20.32 -2.77 -10.25
N THR B 87 -19.41 -2.52 -11.20
CA THR B 87 -18.43 -3.53 -11.59
C THR B 87 -17.42 -3.75 -10.47
N LEU B 88 -16.98 -2.66 -9.86
CA LEU B 88 -16.04 -2.74 -8.74
C LEU B 88 -16.68 -3.48 -7.57
N ILE B 89 -17.98 -3.27 -7.33
CA ILE B 89 -18.64 -3.99 -6.24
C ILE B 89 -18.68 -5.50 -6.52
N LYS B 90 -19.07 -5.88 -7.74
CA LYS B 90 -19.15 -7.27 -8.10
C LYS B 90 -17.80 -7.94 -7.97
N LEU B 91 -16.71 -7.19 -8.21
CA LEU B 91 -15.35 -7.71 -8.13
C LEU B 91 -14.73 -7.62 -6.73
N GLY B 92 -15.44 -7.07 -5.75
CA GLY B 92 -14.85 -7.00 -4.41
C GLY B 92 -13.99 -5.79 -4.12
N TYR B 93 -13.96 -4.79 -5.01
CA TYR B 93 -13.11 -3.62 -4.77
C TYR B 93 -13.87 -2.50 -4.09
N ALA B 94 -15.20 -2.58 -4.06
CA ALA B 94 -15.96 -1.48 -3.48
C ALA B 94 -17.25 -2.02 -2.85
N THR B 95 -17.95 -1.13 -2.14
CA THR B 95 -19.20 -1.52 -1.47
C THR B 95 -20.17 -0.34 -1.40
N THR B 96 -21.45 -0.64 -1.13
CA THR B 96 -22.45 0.44 -1.18
C THR B 96 -23.60 0.10 -0.25
N ASP B 97 -24.35 1.13 0.16
CA ASP B 97 -25.68 0.91 0.73
C ASP B 97 -26.79 1.26 -0.25
N GLY B 98 -26.47 1.47 -1.52
CA GLY B 98 -27.46 1.84 -2.49
C GLY B 98 -27.52 3.32 -2.79
N ARG B 99 -27.04 4.17 -1.86
CA ARG B 99 -27.02 5.62 -1.96
C ARG B 99 -25.62 6.19 -2.05
N THR B 100 -24.68 5.68 -1.26
CA THR B 100 -23.26 6.11 -1.24
C THR B 100 -22.36 4.89 -1.37
N TYR B 101 -21.05 5.15 -1.53
CA TYR B 101 -20.08 4.14 -1.94
C TYR B 101 -18.78 4.31 -1.19
N SER B 102 -18.07 3.21 -1.01
N SER B 102 -18.10 3.19 -0.97
CA SER B 102 -16.74 3.26 -0.40
CA SER B 102 -16.77 3.20 -0.34
C SER B 102 -15.90 2.10 -0.90
C SER B 102 -15.90 2.17 -1.07
N LEU B 103 -14.59 2.30 -0.90
CA LEU B 103 -13.66 1.28 -1.37
C LEU B 103 -13.50 0.18 -0.32
N LEU B 104 -13.15 -1.04 -0.80
CA LEU B 104 -12.79 -2.15 0.10
C LEU B 104 -11.29 -2.38 0.09
N PRO B 105 -10.76 -3.02 1.15
CA PRO B 105 -9.30 -3.24 1.25
C PRO B 105 -8.68 -3.96 0.05
N LYS B 106 -9.45 -4.67 -0.76
CA LYS B 106 -8.89 -5.36 -1.91
C LYS B 106 -8.16 -4.39 -2.86
N VAL B 107 -8.52 -3.12 -2.84
CA VAL B 107 -7.80 -2.16 -3.67
C VAL B 107 -6.31 -2.18 -3.32
N LEU B 108 -5.96 -2.46 -2.06
CA LEU B 108 -4.55 -2.46 -1.70
C LEU B 108 -3.79 -3.53 -2.43
N THR B 109 -4.46 -4.59 -2.87
CA THR B 109 -3.73 -5.64 -3.54
C THR B 109 -3.30 -5.20 -4.94
N LEU B 110 -3.93 -4.15 -5.49
CA LEU B 110 -3.41 -3.63 -6.78
C LEU B 110 -2.03 -3.04 -6.59
N GLY B 111 -1.86 -2.26 -5.51
CA GLY B 111 -0.54 -1.72 -5.30
C GLY B 111 0.46 -2.82 -4.99
N HIS B 112 0.02 -3.87 -4.25
CA HIS B 112 0.92 -4.96 -3.95
C HIS B 112 1.38 -5.67 -5.21
N ALA B 113 0.54 -5.68 -6.27
CA ALA B 113 0.97 -6.23 -7.56
C ALA B 113 2.18 -5.48 -8.11
N TYR B 114 2.19 -4.15 -7.98
CA TYR B 114 3.36 -3.36 -8.39
C TYR B 114 4.55 -3.69 -7.51
N LEU B 115 4.36 -3.62 -6.17
CA LEU B 115 5.51 -3.79 -5.28
C LEU B 115 6.16 -5.16 -5.45
N SER B 116 5.35 -6.18 -5.71
CA SER B 116 5.92 -7.52 -5.74
C SER B 116 6.37 -7.96 -7.13
N SER B 117 6.36 -7.06 -8.13
CA SER B 117 6.78 -7.40 -9.48
C SER B 117 7.81 -6.41 -10.00
N THR B 118 8.32 -5.51 -9.15
CA THR B 118 9.17 -4.41 -9.60
C THR B 118 10.54 -4.47 -8.95
N PRO B 119 11.57 -4.86 -9.70
CA PRO B 119 12.90 -5.00 -9.07
C PRO B 119 13.37 -3.73 -8.39
N LEU B 120 13.08 -2.56 -8.93
CA LEU B 120 13.54 -1.34 -8.27
C LEU B 120 12.95 -1.23 -6.85
N ALA B 121 11.66 -1.50 -6.71
CA ALA B 121 11.06 -1.41 -5.38
C ALA B 121 11.53 -2.56 -4.49
N ILE B 122 11.64 -3.76 -5.03
CA ILE B 122 12.08 -4.89 -4.22
C ILE B 122 13.52 -4.68 -3.75
N SER B 123 14.41 -4.29 -4.68
CA SER B 123 15.83 -4.24 -4.36
C SER B 123 16.20 -3.08 -3.45
N ALA B 124 15.44 -2.00 -3.53
CA ALA B 124 15.76 -0.84 -2.71
C ALA B 124 15.47 -1.05 -1.25
N GLN B 125 14.65 -2.05 -0.86
CA GLN B 125 14.24 -2.12 0.54
C GLN B 125 15.38 -2.45 1.49
N PRO B 126 16.26 -3.43 1.22
CA PRO B 126 17.38 -3.66 2.14
C PRO B 126 18.28 -2.44 2.28
N TYR B 127 18.46 -1.67 1.20
CA TYR B 127 19.27 -0.44 1.28
C TYR B 127 18.63 0.58 2.21
N LEU B 128 17.31 0.81 2.06
CA LEU B 128 16.65 1.79 2.95
C LEU B 128 16.72 1.29 4.39
N ASP B 129 16.59 -0.02 4.59
CA ASP B 129 16.67 -0.57 5.94
C ASP B 129 18.05 -0.36 6.54
N ARG B 130 19.11 -0.56 5.74
CA ARG B 130 20.47 -0.38 6.24
C ARG B 130 20.76 1.08 6.55
N ILE B 131 20.33 1.97 5.66
CA ILE B 131 20.55 3.40 5.91
C ILE B 131 19.88 3.83 7.21
N SER B 132 18.64 3.39 7.40
CA SER B 132 17.86 3.78 8.57
C SER B 132 18.43 3.18 9.84
N ASP B 133 18.82 1.92 9.80
CA ASP B 133 19.41 1.31 10.99
C ASP B 133 20.69 2.02 11.40
N GLN B 134 21.48 2.49 10.43
CA GLN B 134 22.74 3.14 10.76
C GLN B 134 22.56 4.58 11.24
N LEU B 135 21.63 5.31 10.64
CA LEU B 135 21.47 6.74 10.92
C LEU B 135 20.41 7.00 11.96
N HIS B 136 19.56 6.02 12.25
CA HIS B 136 18.40 6.19 13.15
C HIS B 136 17.55 7.36 12.68
N GLU B 137 17.30 7.39 11.37
CA GLU B 137 16.41 8.35 10.72
C GLU B 137 15.67 7.61 9.63
N ALA B 138 14.59 8.22 9.16
CA ALA B 138 13.82 7.60 8.07
C ALA B 138 14.56 7.71 6.75
N ALA B 139 14.50 6.65 5.93
CA ALA B 139 15.03 6.69 4.57
C ALA B 139 13.92 6.33 3.58
N ASN B 140 13.87 7.02 2.43
CA ASN B 140 12.76 6.80 1.48
C ASN B 140 13.26 6.73 0.05
N MET B 141 12.37 6.19 -0.85
CA MET B 141 12.63 6.29 -2.28
C MET B 141 11.36 6.71 -2.98
N ALA B 142 11.50 7.66 -3.91
CA ALA B 142 10.30 8.18 -4.61
C ALA B 142 10.62 8.36 -6.08
N THR B 143 9.55 8.34 -6.89
CA THR B 143 9.58 8.69 -8.31
C THR B 143 8.71 9.92 -8.54
N LEU B 144 8.73 10.43 -9.78
CA LEU B 144 7.88 11.54 -10.14
C LEU B 144 6.59 11.06 -10.78
N GLU B 145 5.45 11.58 -10.31
CA GLU B 145 4.17 11.27 -10.98
C GLU B 145 3.51 12.63 -11.16
N GLY B 146 3.48 13.12 -12.39
CA GLY B 146 2.87 14.43 -12.59
C GLY B 146 3.66 15.50 -11.87
N ASP B 147 2.97 16.35 -11.13
CA ASP B 147 3.59 17.41 -10.34
C ASP B 147 4.08 16.98 -8.99
N ASP B 148 3.89 15.71 -8.63
CA ASP B 148 4.22 15.26 -7.28
C ASP B 148 5.32 14.19 -7.29
N ILE B 149 5.96 14.01 -6.11
CA ILE B 149 6.72 12.79 -5.89
C ILE B 149 5.78 11.76 -5.31
N LEU B 150 6.10 10.52 -5.61
CA LEU B 150 5.28 9.38 -5.21
C LEU B 150 6.19 8.41 -4.46
N TYR B 151 5.87 8.15 -3.17
CA TYR B 151 6.73 7.29 -2.38
C TYR B 151 6.56 5.82 -2.79
N ILE B 152 7.67 5.17 -3.16
CA ILE B 152 7.61 3.77 -3.53
C ILE B 152 8.17 2.83 -2.48
N ALA B 153 9.06 3.30 -1.60
CA ALA B 153 9.54 2.39 -0.58
C ALA B 153 10.05 3.27 0.57
N ARG B 154 9.93 2.75 1.80
CA ARG B 154 10.36 3.48 3.01
C ARG B 154 11.01 2.51 3.99
N SER B 155 11.98 3.01 4.74
CA SER B 155 12.52 2.20 5.83
C SER B 155 11.46 1.99 6.91
N ALA B 156 11.80 1.21 7.93
CA ALA B 156 10.88 0.98 9.04
C ALA B 156 10.85 2.09 10.10
N THR B 157 10.90 3.39 9.78
CA THR B 157 10.72 4.38 10.84
C THR B 157 9.45 5.18 10.58
N VAL B 158 8.83 5.63 11.68
CA VAL B 158 7.70 6.54 11.59
C VAL B 158 8.19 7.92 11.18
N GLU B 159 7.63 8.46 10.11
CA GLU B 159 7.80 9.86 9.77
C GLU B 159 6.41 10.44 9.58
N ARG B 160 6.02 11.33 10.49
CA ARG B 160 4.70 11.95 10.47
C ARG B 160 4.80 13.35 9.86
N LEU B 161 4.00 13.59 8.84
CA LEU B 161 3.69 14.94 8.41
C LEU B 161 2.39 15.31 9.10
N ILE B 162 2.37 16.48 9.75
CA ILE B 162 1.19 16.98 10.46
C ILE B 162 0.51 15.84 11.23
N SER B 163 1.31 15.08 11.98
CA SER B 163 0.89 13.95 12.80
C SER B 163 0.22 12.82 11.99
N VAL B 164 0.52 12.71 10.69
CA VAL B 164 0.02 11.61 9.87
C VAL B 164 1.21 10.90 9.23
N ASP B 165 1.28 9.58 9.39
CA ASP B 165 2.42 8.83 8.88
C ASP B 165 2.48 8.97 7.36
N LEU B 166 3.66 9.20 6.83
CA LEU B 166 3.82 9.12 5.38
C LEU B 166 4.00 7.66 5.01
N SER B 167 3.50 7.29 3.84
CA SER B 167 3.44 5.87 3.55
C SER B 167 3.75 5.63 2.09
N VAL B 168 4.09 4.38 1.79
CA VAL B 168 4.25 3.99 0.40
C VAL B 168 2.94 4.25 -0.33
N GLY B 169 3.00 4.85 -1.53
CA GLY B 169 1.79 5.20 -2.27
C GLY B 169 1.34 6.63 -2.08
N GLY B 170 1.87 7.32 -1.06
CA GLY B 170 1.51 8.71 -0.83
C GLY B 170 2.29 9.65 -1.71
N ARG B 171 1.77 10.85 -1.89
CA ARG B 171 2.39 11.85 -2.75
C ARG B 171 2.61 13.17 -2.02
N LEU B 172 3.63 13.88 -2.46
CA LEU B 172 3.95 15.21 -1.96
C LEU B 172 4.34 16.07 -3.14
N PRO B 173 4.22 17.40 -3.04
CA PRO B 173 4.58 18.25 -4.19
C PRO B 173 6.07 18.18 -4.43
N ALA B 174 6.44 18.27 -5.71
CA ALA B 174 7.86 18.20 -6.08
C ALA B 174 8.63 19.46 -5.74
N TYR B 175 8.03 20.65 -5.88
CA TYR B 175 8.83 21.88 -5.79
C TYR B 175 9.39 22.13 -4.39
N CYS B 176 8.83 21.52 -3.34
CA CYS B 176 9.24 21.85 -1.97
C CYS B 176 9.77 20.63 -1.21
N THR B 177 10.18 19.57 -1.92
CA THR B 177 10.74 18.39 -1.27
C THR B 177 12.12 18.10 -1.84
N SER B 178 12.99 17.47 -1.04
CA SER B 178 14.33 17.22 -1.55
C SER B 178 14.28 16.23 -2.69
N MET B 179 13.50 15.15 -2.56
CA MET B 179 13.41 14.25 -3.71
C MET B 179 12.71 14.89 -4.91
N GLY B 180 11.72 15.71 -4.67
CA GLY B 180 11.13 16.46 -5.79
C GLY B 180 12.15 17.29 -6.55
N ARG B 181 13.08 17.94 -5.83
CA ARG B 181 14.03 18.77 -6.55
C ARG B 181 15.05 17.94 -7.34
N ILE B 182 15.43 16.76 -6.84
CA ILE B 182 16.27 15.85 -7.59
C ILE B 182 15.60 15.50 -8.90
N LEU B 183 14.29 15.19 -8.81
CA LEU B 183 13.56 14.67 -9.95
C LEU B 183 13.20 15.78 -10.93
N LEU B 184 12.94 17.01 -10.43
CA LEU B 184 12.82 18.15 -11.35
C LEU B 184 14.14 18.48 -12.02
N ALA B 185 15.26 18.30 -11.30
CA ALA B 185 16.56 18.61 -11.91
C ALA B 185 16.85 17.71 -13.07
N ALA B 186 16.26 16.51 -13.07
CA ALA B 186 16.45 15.58 -14.15
C ALA B 186 15.69 15.96 -15.43
N MET B 187 14.73 16.88 -15.35
CA MET B 187 13.98 17.33 -16.54
C MET B 187 14.86 18.19 -17.44
N ASP B 188 14.49 18.25 -18.73
CA ASP B 188 15.17 19.28 -19.50
C ASP B 188 14.58 20.67 -19.17
N ASP B 189 15.22 21.73 -19.69
CA ASP B 189 14.84 23.07 -19.24
C ASP B 189 13.46 23.47 -19.74
N THR B 190 13.06 22.96 -20.91
CA THR B 190 11.73 23.30 -21.43
C THR B 190 10.63 22.67 -20.57
N SER B 191 10.79 21.39 -20.23
CA SER B 191 9.86 20.73 -19.33
C SER B 191 9.83 21.41 -17.97
N LEU B 192 11.01 21.79 -17.43
CA LEU B 192 11.07 22.46 -16.14
C LEU B 192 10.33 23.80 -16.17
N ARG B 193 10.56 24.61 -17.21
CA ARG B 193 9.87 25.90 -17.28
C ARG B 193 8.35 25.71 -17.40
N GLU B 194 7.93 24.71 -18.15
CA GLU B 194 6.49 24.43 -18.25
C GLU B 194 5.90 24.10 -16.90
N TYR B 195 6.60 23.29 -16.13
CA TYR B 195 6.16 22.94 -14.78
C TYR B 195 6.09 24.20 -13.90
N LEU B 196 7.15 25.01 -13.90
CA LEU B 196 7.17 26.19 -13.03
C LEU B 196 6.13 27.22 -13.42
N GLU B 197 5.72 27.31 -14.71
CA GLU B 197 4.73 28.32 -15.04
C GLU B 197 3.31 27.87 -14.72
N ARG B 198 3.10 26.59 -14.37
CA ARG B 198 1.75 26.11 -14.11
C ARG B 198 1.57 25.64 -12.67
N ALA B 199 2.62 25.19 -12.02
CA ALA B 199 2.48 24.51 -10.73
C ALA B 199 1.94 25.44 -9.65
N ASP B 200 1.24 24.84 -8.68
CA ASP B 200 0.78 25.54 -7.48
C ASP B 200 1.94 25.67 -6.50
N LEU B 201 2.55 26.84 -6.44
CA LEU B 201 3.75 27.05 -5.65
C LEU B 201 3.37 27.76 -4.36
N LYS B 202 2.64 27.08 -3.51
CA LYS B 202 2.21 27.83 -2.34
C LYS B 202 3.29 27.83 -1.27
N ALA B 203 3.27 28.87 -0.45
CA ALA B 203 4.24 29.03 0.63
C ALA B 203 3.82 28.10 1.76
N ARG B 204 4.42 26.91 1.82
CA ARG B 204 3.96 25.98 2.86
C ARG B 204 4.44 26.42 4.22
N THR B 205 5.67 26.95 4.27
CA THR B 205 6.21 27.59 5.46
C THR B 205 6.78 28.93 5.01
N SER B 206 7.22 29.75 5.96
CA SER B 206 7.82 30.99 5.49
C SER B 206 9.18 30.78 4.82
N ARG B 207 9.74 29.60 4.90
CA ARG B 207 11.00 29.29 4.22
C ARG B 207 10.81 28.89 2.78
N THR B 208 9.62 28.40 2.43
CA THR B 208 9.48 27.72 1.14
C THR B 208 9.84 28.60 -0.04
N LEU B 209 10.71 28.10 -0.92
CA LEU B 209 10.89 28.77 -2.20
C LEU B 209 9.61 28.61 -2.99
N ASN B 210 9.01 29.70 -3.41
CA ASN B 210 7.72 29.48 -4.04
C ASN B 210 7.48 30.43 -5.19
N ASP B 211 8.55 30.85 -5.87
CA ASP B 211 8.41 31.62 -7.09
C ASP B 211 9.33 31.01 -8.13
N PRO B 212 8.98 31.15 -9.40
CA PRO B 212 9.64 30.31 -10.41
C PRO B 212 11.11 30.63 -10.56
N GLU B 213 11.49 31.90 -10.40
CA GLU B 213 12.89 32.24 -10.59
C GLU B 213 13.77 31.67 -9.49
N SER B 214 13.31 31.69 -8.24
CA SER B 214 14.15 31.12 -7.18
C SER B 214 14.18 29.59 -7.28
N LEU B 215 13.05 28.96 -7.63
CA LEU B 215 13.06 27.49 -7.82
C LEU B 215 13.97 27.08 -8.98
N PHE B 216 13.95 27.84 -10.07
CA PHE B 216 14.82 27.48 -11.20
C PHE B 216 16.30 27.54 -10.80
N ALA B 217 16.71 28.62 -10.11
CA ALA B 217 18.10 28.73 -9.68
C ALA B 217 18.45 27.61 -8.68
N CYS B 218 17.51 27.29 -7.79
CA CYS B 218 17.72 26.18 -6.87
C CYS B 218 17.95 24.88 -7.62
N ILE B 219 17.11 24.61 -8.62
CA ILE B 219 17.25 23.36 -9.35
C ILE B 219 18.55 23.31 -10.12
N GLN B 220 19.01 24.46 -10.63
CA GLN B 220 20.31 24.44 -11.30
C GLN B 220 21.43 24.05 -10.34
N GLN B 221 21.45 24.60 -9.12
CA GLN B 221 22.47 24.17 -8.16
C GLN B 221 22.33 22.68 -7.83
N VAL B 222 21.10 22.17 -7.73
CA VAL B 222 20.93 20.75 -7.42
C VAL B 222 21.58 19.88 -8.51
N ARG B 223 21.37 20.26 -9.78
CA ARG B 223 22.07 19.61 -10.90
C ARG B 223 23.58 19.63 -10.71
N ALA B 224 24.15 20.80 -10.39
CA ALA B 224 25.60 20.86 -10.24
C ALA B 224 26.08 19.99 -9.09
N GLN B 225 25.29 19.90 -8.01
CA GLN B 225 25.74 19.21 -6.79
C GLN B 225 25.63 17.70 -6.92
N GLY B 226 24.53 17.24 -7.52
CA GLY B 226 24.11 15.86 -7.45
C GLY B 226 23.40 15.49 -6.18
N TRP B 227 22.89 16.47 -5.42
CA TRP B 227 22.15 16.21 -4.19
C TRP B 227 21.37 17.46 -3.84
N CYS B 228 20.43 17.31 -2.91
CA CYS B 228 19.59 18.42 -2.54
C CYS B 228 19.30 18.33 -1.05
N VAL B 229 19.48 19.45 -0.31
CA VAL B 229 18.98 19.56 1.06
C VAL B 229 17.77 20.48 1.07
N VAL B 230 16.70 20.06 1.74
CA VAL B 230 15.56 20.93 1.99
C VAL B 230 15.40 21.08 3.50
N ASP B 231 15.41 22.32 3.98
CA ASP B 231 15.40 22.65 5.41
C ASP B 231 14.10 23.35 5.70
N GLN B 232 13.08 22.58 6.09
CA GLN B 232 11.84 23.09 6.66
C GLN B 232 11.06 23.95 5.66
N GLU B 233 11.13 23.57 4.38
CA GLU B 233 10.34 24.19 3.34
C GLU B 233 9.03 23.48 3.09
N LEU B 234 8.89 22.23 3.55
CA LEU B 234 7.62 21.48 3.45
C LEU B 234 6.83 21.61 4.74
N GLU B 235 7.49 21.42 5.88
CA GLU B 235 6.83 21.72 7.13
C GLU B 235 7.88 22.11 8.16
N GLN B 236 7.46 22.94 9.10
CA GLN B 236 8.32 23.26 10.24
C GLN B 236 8.85 21.99 10.86
N GLY B 237 10.15 22.01 11.20
CA GLY B 237 10.76 20.91 11.89
C GLY B 237 11.38 19.85 11.03
N LEU B 238 11.03 19.78 9.73
CA LEU B 238 11.42 18.69 8.86
C LEU B 238 12.56 19.12 7.94
N ARG B 239 13.63 18.32 7.89
CA ARG B 239 14.83 18.49 7.05
C ARG B 239 15.10 17.17 6.33
N SER B 240 15.51 17.22 5.07
CA SER B 240 15.78 16.01 4.32
C SER B 240 16.96 16.25 3.39
N ILE B 241 17.70 15.19 3.04
CA ILE B 241 18.68 15.32 1.97
C ILE B 241 18.44 14.18 0.98
N ALA B 242 18.56 14.48 -0.31
CA ALA B 242 18.22 13.46 -1.31
C ALA B 242 19.31 13.34 -2.38
N VAL B 243 19.33 12.18 -3.05
CA VAL B 243 20.23 11.97 -4.19
C VAL B 243 19.47 11.26 -5.31
N PRO B 244 19.97 11.34 -6.54
CA PRO B 244 19.37 10.54 -7.64
C PRO B 244 19.84 9.09 -7.66
N VAL B 245 18.96 8.26 -8.22
CA VAL B 245 19.26 6.87 -8.52
C VAL B 245 19.17 6.76 -10.04
N TYR B 246 20.23 6.25 -10.65
CA TYR B 246 20.32 6.14 -12.11
C TYR B 246 20.10 4.71 -12.58
N ASP B 247 19.77 4.58 -13.87
CA ASP B 247 19.85 3.29 -14.56
C ASP B 247 21.18 3.19 -15.31
N ALA B 248 21.35 2.15 -16.13
CA ALA B 248 22.62 1.97 -16.83
C ALA B 248 22.88 3.07 -17.85
N SER B 249 21.81 3.68 -18.39
CA SER B 249 21.91 4.72 -19.41
C SER B 249 22.26 6.08 -18.84
N GLY B 250 22.41 6.19 -17.51
CA GLY B 250 22.61 7.49 -16.92
C GLY B 250 21.35 8.29 -16.74
N GLN B 251 20.18 7.64 -16.79
CA GLN B 251 18.91 8.33 -16.63
C GLN B 251 18.43 8.19 -15.19
N VAL B 252 17.83 9.25 -14.68
CA VAL B 252 17.39 9.25 -13.28
C VAL B 252 16.10 8.44 -13.18
N LEU B 253 16.14 7.34 -12.40
CA LEU B 253 14.93 6.51 -12.22
C LEU B 253 14.10 6.91 -11.01
N ALA B 254 14.72 7.49 -10.00
CA ALA B 254 14.08 7.68 -8.71
C ALA B 254 15.04 8.53 -7.88
N ALA B 255 14.58 8.91 -6.70
CA ALA B 255 15.48 9.58 -5.74
C ALA B 255 15.43 8.82 -4.44
N LEU B 256 16.54 8.85 -3.70
CA LEU B 256 16.63 8.31 -2.36
C LEU B 256 16.82 9.49 -1.41
N ASN B 257 16.26 9.38 -0.20
CA ASN B 257 16.56 10.44 0.77
C ASN B 257 16.63 9.89 2.18
N VAL B 258 17.10 10.75 3.08
CA VAL B 258 17.03 10.57 4.53
C VAL B 258 16.32 11.79 5.07
N SER B 259 15.38 11.60 6.01
CA SER B 259 14.48 12.67 6.46
C SER B 259 14.49 12.70 7.99
N THR B 260 14.52 13.90 8.58
CA THR B 260 14.69 14.03 10.03
C THR B 260 13.88 15.20 10.58
N HIS B 261 13.67 15.18 11.88
CA HIS B 261 13.07 16.30 12.59
C HIS B 261 14.17 17.23 13.10
N VAL B 262 13.74 18.45 13.42
CA VAL B 262 14.67 19.56 13.70
C VAL B 262 15.63 19.21 14.83
N GLY B 263 15.10 18.85 15.98
CA GLY B 263 15.99 18.76 17.12
C GLY B 263 16.74 17.46 17.22
N ARG B 264 16.66 16.65 16.17
CA ARG B 264 17.29 15.33 16.11
C ARG B 264 18.63 15.32 15.39
N VAL B 265 19.04 16.46 14.83
CA VAL B 265 20.22 16.56 13.99
C VAL B 265 20.97 17.86 14.32
N THR B 266 22.26 17.89 13.96
CA THR B 266 22.98 19.16 13.95
C THR B 266 22.78 19.83 12.58
N ARG B 267 23.24 21.08 12.45
CA ARG B 267 22.84 21.85 11.26
C ARG B 267 23.58 21.37 10.02
N SER B 268 24.82 20.90 10.14
CA SER B 268 25.57 20.40 8.99
C SER B 268 25.73 18.88 8.93
N GLU B 269 25.01 18.14 9.79
CA GLU B 269 25.07 16.68 9.78
C GLU B 269 24.54 16.11 8.47
N LEU B 270 23.55 16.78 7.87
CA LEU B 270 22.96 16.24 6.65
C LEU B 270 24.02 16.00 5.58
N GLU B 271 24.86 17.02 5.32
CA GLU B 271 25.78 16.91 4.21
C GLU B 271 26.98 16.09 4.61
N GLN B 272 27.44 16.23 5.85
CA GLN B 272 28.68 15.56 6.18
C GLN B 272 28.44 14.11 6.50
N ARG B 273 27.33 13.80 7.17
CA ARG B 273 27.09 12.45 7.63
C ARG B 273 26.18 11.65 6.72
N PHE B 274 25.07 12.24 6.29
CA PHE B 274 24.07 11.45 5.57
C PHE B 274 24.47 11.29 4.11
N LEU B 275 25.13 12.31 3.54
CA LEU B 275 25.29 12.34 2.08
C LEU B 275 26.16 11.20 1.57
N PRO B 276 27.34 10.93 2.11
CA PRO B 276 28.13 9.80 1.56
C PRO B 276 27.45 8.45 1.72
N ILE B 277 26.68 8.27 2.79
CA ILE B 277 25.89 7.03 2.90
C ILE B 277 24.91 6.91 1.76
N LEU B 278 24.19 7.99 1.47
CA LEU B 278 23.19 7.95 0.39
C LEU B 278 23.82 7.81 -0.99
N LEU B 279 24.92 8.53 -1.25
CA LEU B 279 25.59 8.34 -2.54
C LEU B 279 26.01 6.87 -2.73
N ALA B 280 26.59 6.27 -1.69
CA ALA B 280 27.04 4.90 -1.83
C ALA B 280 25.87 3.95 -2.04
N ALA B 281 24.76 4.15 -1.33
CA ALA B 281 23.60 3.29 -1.54
C ALA B 281 23.05 3.43 -2.95
N SER B 282 23.01 4.65 -3.46
CA SER B 282 22.46 4.82 -4.80
C SER B 282 23.34 4.11 -5.82
N ARG B 283 24.67 4.29 -5.69
CA ARG B 283 25.58 3.63 -6.58
C ARG B 283 25.44 2.11 -6.48
N ASP B 284 25.32 1.59 -5.26
CA ASP B 284 25.22 0.14 -5.08
C ASP B 284 23.92 -0.41 -5.64
N LEU B 285 22.82 0.28 -5.41
CA LEU B 285 21.55 -0.16 -5.99
C LEU B 285 21.61 -0.16 -7.51
N CYS B 286 22.15 0.91 -8.12
CA CYS B 286 22.23 0.94 -9.59
C CYS B 286 23.03 -0.24 -10.11
N HIS B 287 24.21 -0.49 -9.52
CA HIS B 287 25.04 -1.61 -9.95
C HIS B 287 24.29 -2.95 -9.77
N GLN B 288 23.59 -3.10 -8.64
CA GLN B 288 22.84 -4.33 -8.40
C GLN B 288 21.76 -4.57 -9.45
N LEU B 289 21.12 -3.52 -9.91
CA LEU B 289 20.00 -3.69 -10.83
C LEU B 289 20.43 -3.77 -12.28
N PHE B 290 21.50 -3.07 -12.66
CA PHE B 290 21.79 -2.81 -14.07
C PHE B 290 23.20 -3.21 -14.60
SE SEY C . -19.18 -10.36 13.83
C SEY C . -19.27 -11.33 15.54
N2 SEY C . -19.15 -12.65 15.51
N1 SEY C . -19.41 -10.62 16.65
SE SEY D . -1.35 -2.11 -28.87
C SEY D . -1.68 -0.28 -29.53
N2 SEY D . -0.75 0.64 -29.29
N1 SEY D . -2.79 -0.05 -30.25
SE SEY E . -0.92 0.39 -1.96
C SEY E . -0.17 -1.16 -1.22
N2 SEY E . 0.73 -0.97 -0.26
N1 SEY E . -0.52 -2.35 -1.65
P PO4 F . 12.86 -8.32 -23.01
O1 PO4 F . 11.63 -7.46 -23.00
O2 PO4 F . 13.52 -8.06 -24.40
O3 PO4 F . 12.48 -9.77 -22.83
O4 PO4 F . 13.82 -7.89 -21.95
P PO4 G . -11.23 -34.48 9.03
O1 PO4 G . -12.09 -34.28 7.78
O2 PO4 G . -11.11 -33.13 9.66
O3 PO4 G . -11.92 -35.47 9.96
O4 PO4 G . -9.84 -34.99 8.72
CL CL H . 4.32 6.45 -11.91
CL CL I . 8.16 -25.61 13.52
CL CL J . 0.25 -15.22 12.50
CL CL K . -12.55 -12.46 -20.26
CL CL L . -17.02 -2.53 -21.61
CL CL M . 8.98 -3.24 -19.27
SE SEY N . 20.59 15.66 -9.29
C SEY N . 20.03 15.09 -11.03
N2 SEY N . 20.93 15.08 -12.00
N1 SEY N . 18.75 14.80 -11.17
SE SEY O . 11.68 16.70 1.62
C SEY O . 11.32 18.20 2.79
N2 SEY O . 11.86 18.18 4.00
N1 SEY O . 10.60 19.20 2.32
P PO4 P . -18.26 3.31 -19.68
O1 PO4 P . -19.59 2.93 -19.07
O2 PO4 P . -18.32 4.71 -20.22
O3 PO4 P . -17.93 2.36 -20.82
O4 PO4 P . -17.24 3.29 -18.57
CL CL Q . 20.30 22.11 -2.09
CL CL R . 17.32 11.84 -16.90
CL CL S . 5.82 28.69 9.23
CL CL T . -20.63 2.39 1.59
#